data_2JCR
#
_entry.id   2JCR
#
_cell.length_a   30.800
_cell.length_b   82.100
_cell.length_c   32.400
_cell.angle_alpha   90.00
_cell.angle_beta   118.00
_cell.angle_gamma   90.00
#
_symmetry.space_group_name_H-M   'P 1 21 1'
#
loop_
_entity.id
_entity.type
_entity.pdbx_description
1 polymer 'CD44 ANTIGEN'
2 branched '2-acetamido-2-deoxy-beta-D-glucopyranose-(1-4)-beta-D-glucopyranuronic acid-(1-3)-2-acetamido-2-deoxy-beta-D-glucopyranose-(1-4)-beta-D-glucopyranuronic acid-(1-3)-2-acetamido-2-deoxy-beta-D-glucopyranose-(1-4)-beta-D-glucopyranuronic acid-(1-3)-2-acetamido-2-deoxy-beta-D-glucopyranose'
3 non-polymer GLYCEROL
4 water water
#
_entity_poly.entity_id   1
_entity_poly.type   'polypeptide(L)'
_entity_poly.pdbx_seq_one_letter_code
;MNQIDLNVTCRYAGVFHVEKNGRYSISRTEAADLCQAFNSTLPTMDQMKLALSKGFETCRYGFIEGNVVIPRIHPNAICA
ANHTGVYILVTSNTSHYDTYCFNASAPPEEDCTSVTDLPNSFDGPVTITIVNRDGTRYSKKGEYRTHQEDIDAS
;
_entity_poly.pdbx_strand_id   A
#
loop_
_chem_comp.id
_chem_comp.type
_chem_comp.name
_chem_comp.formula
BDP D-saccharide, beta linking 'beta-D-glucopyranuronic acid' 'C6 H10 O7'
GOL non-polymer GLYCEROL 'C3 H8 O3'
NAG D-saccharide, beta linking 2-acetamido-2-deoxy-beta-D-glucopyranose 'C8 H15 N O6'
#
# COMPACT_ATOMS: atom_id res chain seq x y z
N ASN A 2 14.67 16.26 0.06
CA ASN A 2 14.15 14.87 0.03
C ASN A 2 13.16 14.71 -1.14
N GLN A 3 13.16 13.54 -1.77
CA GLN A 3 12.11 13.14 -2.72
C GLN A 3 11.70 11.72 -2.41
N ILE A 4 10.38 11.50 -2.30
CA ILE A 4 9.79 10.18 -2.07
C ILE A 4 8.75 9.90 -3.16
N ASP A 5 8.94 8.80 -3.88
CA ASP A 5 7.93 8.34 -4.84
C ASP A 5 7.10 7.20 -4.27
N LEU A 6 5.78 7.36 -4.37
CA LEU A 6 4.81 6.40 -3.86
C LEU A 6 3.98 5.85 -5.03
N ASN A 7 4.36 4.65 -5.50
CA ASN A 7 3.60 3.95 -6.53
C ASN A 7 2.40 3.25 -5.92
N VAL A 8 1.21 3.57 -6.43
CA VAL A 8 -0.04 3.05 -5.90
C VAL A 8 -0.78 2.24 -6.97
N THR A 9 -1.50 1.20 -6.56
CA THR A 9 -2.29 0.37 -7.46
C THR A 9 -3.72 0.86 -7.49
N CYS A 10 -4.54 0.24 -8.34
CA CYS A 10 -6.01 0.39 -8.27
C CYS A 10 -6.45 -0.09 -6.89
N ARG A 11 -7.59 0.42 -6.42
CA ARG A 11 -8.23 -0.04 -5.19
C ARG A 11 -9.20 -1.17 -5.52
N TYR A 12 -9.26 -2.17 -4.65
CA TYR A 12 -10.23 -3.25 -4.71
C TYR A 12 -10.94 -3.30 -3.37
N ALA A 13 -12.21 -2.98 -3.38
CA ALA A 13 -12.99 -2.85 -2.17
C ALA A 13 -12.24 -1.95 -1.19
N GLY A 14 -11.68 -0.86 -1.71
CA GLY A 14 -10.92 0.11 -0.91
C GLY A 14 -9.49 -0.28 -0.56
N VAL A 15 -9.08 -1.53 -0.85
CA VAL A 15 -7.72 -2.00 -0.55
C VAL A 15 -6.79 -1.75 -1.72
N PHE A 16 -5.65 -1.09 -1.45
CA PHE A 16 -4.62 -0.87 -2.46
C PHE A 16 -3.22 -1.11 -1.91
N HIS A 17 -2.27 -1.26 -2.83
CA HIS A 17 -0.87 -1.54 -2.52
C HIS A 17 -0.04 -0.27 -2.76
N VAL A 18 0.90 -0.01 -1.85
CA VAL A 18 1.81 1.12 -1.97
C VAL A 18 3.25 0.64 -1.91
N GLU A 19 4.04 1.02 -2.90
CA GLU A 19 5.48 0.77 -2.95
C GLU A 19 6.21 2.11 -2.84
N LYS A 20 7.07 2.25 -1.84
CA LYS A 20 7.79 3.53 -1.63
C LYS A 20 9.18 3.48 -2.21
N ASN A 21 9.48 4.38 -3.14
CA ASN A 21 10.77 4.41 -3.83
C ASN A 21 11.10 3.03 -4.38
N GLY A 22 12.04 2.31 -3.77
CA GLY A 22 12.30 0.94 -4.18
C GLY A 22 11.39 -0.10 -3.53
N ARG A 23 11.34 -1.26 -4.18
CA ARG A 23 10.70 -2.46 -3.65
C ARG A 23 11.12 -2.75 -2.20
N TYR A 24 10.15 -2.95 -1.31
CA TYR A 24 10.40 -3.40 0.08
C TYR A 24 11.29 -2.48 0.92
N SER A 25 10.89 -1.21 1.05
CA SER A 25 11.68 -0.26 1.81
C SER A 25 10.91 0.43 2.92
N ILE A 26 9.73 -0.08 3.26
CA ILE A 26 8.87 0.51 4.29
C ILE A 26 8.91 -0.35 5.54
N SER A 27 9.07 0.28 6.71
CA SER A 27 8.94 -0.42 7.99
C SER A 27 7.48 -0.48 8.42
N ARG A 28 7.20 -1.24 9.47
CA ARG A 28 5.81 -1.37 9.97
C ARG A 28 5.30 -0.02 10.50
N THR A 29 6.15 0.76 11.16
CA THR A 29 5.77 2.09 11.65
C THR A 29 5.58 3.07 10.50
N GLU A 30 6.45 3.04 9.50
CA GLU A 30 6.29 3.92 8.36
C GLU A 30 5.04 3.59 7.57
N ALA A 31 4.72 2.29 7.47
CA ALA A 31 3.53 1.83 6.77
C ALA A 31 2.25 2.38 7.40
N ALA A 32 2.15 2.31 8.72
CA ALA A 32 1.00 2.84 9.44
C ALA A 32 0.88 4.35 9.19
N ASP A 33 1.98 5.09 9.28
CA ASP A 33 1.98 6.52 8.96
C ASP A 33 1.61 6.83 7.50
N LEU A 34 2.09 5.98 6.59
CA LEU A 34 1.81 6.16 5.17
C LEU A 34 0.32 6.02 4.88
N CYS A 35 -0.29 4.94 5.35
CA CYS A 35 -1.72 4.75 5.18
C CYS A 35 -2.53 5.93 5.77
N GLN A 36 -2.15 6.35 6.97
N GLN A 36 -2.16 6.37 6.97
CA GLN A 36 -2.80 7.52 7.63
CA GLN A 36 -2.82 7.52 7.61
C GLN A 36 -2.75 8.77 6.76
C GLN A 36 -2.76 8.77 6.73
N ALA A 37 -1.60 8.98 6.11
CA ALA A 37 -1.42 10.10 5.16
C ALA A 37 -2.40 10.03 3.97
N PHE A 38 -2.76 8.81 3.58
CA PHE A 38 -3.76 8.56 2.55
C PHE A 38 -5.21 8.51 3.09
N ASN A 39 -5.42 8.97 4.32
N ASN A 39 -5.41 9.00 4.32
CA ASN A 39 -6.72 8.88 4.99
CA ASN A 39 -6.69 8.87 5.03
C ASN A 39 -7.23 7.43 5.04
C ASN A 39 -7.21 7.44 4.98
N SER A 40 -6.29 6.50 5.22
CA SER A 40 -6.56 5.08 5.17
C SER A 40 -5.99 4.41 6.40
N THR A 41 -6.23 3.10 6.49
CA THR A 41 -5.73 2.28 7.57
C THR A 41 -5.07 1.03 6.99
N LEU A 42 -4.22 0.39 7.79
CA LEU A 42 -3.68 -0.91 7.39
C LEU A 42 -4.88 -1.88 7.33
N PRO A 43 -5.07 -2.59 6.21
CA PRO A 43 -6.22 -3.50 6.11
C PRO A 43 -6.30 -4.57 7.20
N THR A 44 -7.52 -4.97 7.55
CA THR A 44 -7.73 -6.18 8.32
C THR A 44 -7.63 -7.34 7.34
N MET A 45 -7.50 -8.56 7.85
N MET A 45 -7.50 -8.55 7.86
CA MET A 45 -7.43 -9.74 6.99
CA MET A 45 -7.43 -9.76 7.03
C MET A 45 -8.74 -9.94 6.23
C MET A 45 -8.74 -9.96 6.24
N ASP A 46 -9.88 -9.72 6.89
CA ASP A 46 -11.18 -9.81 6.23
C ASP A 46 -11.32 -8.77 5.08
N GLN A 47 -10.85 -7.55 5.31
CA GLN A 47 -10.84 -6.53 4.23
C GLN A 47 -10.00 -6.95 3.02
N MET A 48 -8.85 -7.56 3.30
N MET A 48 -8.83 -7.54 3.27
CA MET A 48 -7.92 -8.05 2.27
CA MET A 48 -7.95 -8.02 2.20
C MET A 48 -8.53 -9.21 1.49
C MET A 48 -8.58 -9.21 1.46
N LYS A 49 -9.23 -10.10 2.21
CA LYS A 49 -9.90 -11.24 1.60
C LYS A 49 -11.02 -10.80 0.66
N LEU A 50 -11.77 -9.79 1.05
CA LEU A 50 -12.82 -9.26 0.16
C LEU A 50 -12.21 -8.61 -1.09
N ALA A 51 -11.12 -7.87 -0.91
CA ALA A 51 -10.41 -7.25 -2.02
C ALA A 51 -9.93 -8.30 -3.02
N LEU A 52 -9.35 -9.39 -2.50
N LEU A 52 -9.34 -9.38 -2.50
CA LEU A 52 -8.91 -10.49 -3.33
CA LEU A 52 -8.92 -10.53 -3.31
C LEU A 52 -10.07 -11.05 -4.16
C LEU A 52 -10.08 -11.03 -4.16
N SER A 53 -11.22 -11.29 -3.52
CA SER A 53 -12.42 -11.77 -4.23
C SER A 53 -12.85 -10.85 -5.39
N LYS A 54 -12.59 -9.55 -5.26
CA LYS A 54 -12.94 -8.57 -6.32
C LYS A 54 -11.87 -8.45 -7.43
N GLY A 55 -10.79 -9.23 -7.34
CA GLY A 55 -9.76 -9.21 -8.38
C GLY A 55 -8.39 -8.69 -7.99
N PHE A 56 -8.19 -8.37 -6.70
CA PHE A 56 -6.91 -7.85 -6.21
C PHE A 56 -5.88 -8.95 -6.06
N GLU A 57 -4.77 -8.82 -6.77
CA GLU A 57 -3.57 -9.61 -6.49
C GLU A 57 -2.31 -8.79 -6.82
N THR A 58 -1.23 -9.07 -6.11
CA THR A 58 0.10 -8.50 -6.38
C THR A 58 1.11 -9.64 -6.28
N CYS A 59 2.35 -9.35 -6.67
CA CYS A 59 3.49 -10.24 -6.40
C CYS A 59 4.47 -9.57 -5.45
N ARG A 60 3.91 -8.98 -4.38
CA ARG A 60 4.66 -8.18 -3.39
C ARG A 60 4.15 -8.40 -1.98
N TYR A 61 5.10 -8.68 -1.08
CA TYR A 61 4.83 -8.78 0.34
C TYR A 61 4.54 -7.38 0.86
N GLY A 62 3.54 -7.26 1.72
CA GLY A 62 3.20 -5.98 2.30
C GLY A 62 2.41 -6.10 3.58
N PHE A 63 2.57 -5.07 4.41
CA PHE A 63 1.89 -4.98 5.70
C PHE A 63 0.39 -4.85 5.56
N ILE A 64 -0.31 -5.64 6.38
CA ILE A 64 -1.67 -5.33 6.80
C ILE A 64 -1.63 -5.22 8.33
N GLU A 65 -2.79 -5.14 8.98
CA GLU A 65 -2.83 -5.13 10.45
C GLU A 65 -2.42 -6.51 10.95
N GLY A 66 -1.33 -6.57 11.71
CA GLY A 66 -0.92 -7.83 12.36
C GLY A 66 0.04 -8.72 11.60
N ASN A 67 0.05 -8.66 10.26
CA ASN A 67 0.85 -9.58 9.44
C ASN A 67 1.39 -8.94 8.14
N VAL A 68 2.26 -9.69 7.47
CA VAL A 68 2.77 -9.33 6.14
C VAL A 68 2.20 -10.37 5.19
N VAL A 69 1.52 -9.91 4.15
CA VAL A 69 0.79 -10.81 3.25
C VAL A 69 1.04 -10.52 1.76
N ILE A 70 0.67 -11.47 0.91
CA ILE A 70 0.52 -11.27 -0.54
C ILE A 70 -0.84 -11.87 -0.94
N PRO A 71 -1.72 -11.05 -1.56
CA PRO A 71 -2.93 -11.61 -2.12
C PRO A 71 -2.64 -12.24 -3.48
N ARG A 72 -3.03 -13.51 -3.65
CA ARG A 72 -2.81 -14.25 -4.88
C ARG A 72 -4.12 -14.84 -5.42
N ILE A 73 -4.48 -14.48 -6.65
CA ILE A 73 -5.60 -15.11 -7.33
C ILE A 73 -5.10 -16.29 -8.14
N HIS A 74 -4.13 -16.04 -9.04
CA HIS A 74 -3.52 -17.05 -9.90
C HIS A 74 -2.20 -17.61 -9.33
N PRO A 75 -2.02 -18.93 -9.36
CA PRO A 75 -0.75 -19.50 -8.89
C PRO A 75 0.46 -19.15 -9.77
N ASN A 76 1.48 -18.54 -9.16
CA ASN A 76 2.74 -18.24 -9.81
C ASN A 76 3.85 -18.81 -8.92
N ALA A 77 4.85 -19.43 -9.54
CA ALA A 77 5.95 -20.07 -8.80
C ALA A 77 6.82 -19.07 -8.05
N ILE A 78 6.88 -17.83 -8.53
CA ILE A 78 7.70 -16.79 -7.87
C ILE A 78 6.89 -15.74 -7.10
N CYS A 79 5.61 -16.04 -6.84
CA CYS A 79 4.72 -15.17 -6.05
C CYS A 79 3.98 -15.98 -4.97
N ALA A 80 4.49 -15.96 -3.74
CA ALA A 80 4.02 -16.81 -2.65
C ALA A 80 4.08 -18.31 -3.01
N ALA A 81 5.10 -18.69 -3.76
CA ALA A 81 5.41 -20.11 -4.01
C ALA A 81 4.19 -20.92 -4.45
N ASN A 82 3.50 -20.43 -5.48
CA ASN A 82 2.31 -21.09 -6.06
C ASN A 82 1.02 -21.05 -5.25
N HIS A 83 1.01 -20.30 -4.15
CA HIS A 83 -0.17 -20.24 -3.30
C HIS A 83 -1.19 -19.27 -3.88
N THR A 84 -2.46 -19.53 -3.54
CA THR A 84 -3.57 -18.67 -3.88
C THR A 84 -4.24 -18.30 -2.56
N GLY A 85 -4.98 -17.21 -2.56
CA GLY A 85 -5.61 -16.70 -1.36
C GLY A 85 -4.71 -15.62 -0.77
N VAL A 86 -5.04 -15.17 0.43
CA VAL A 86 -4.21 -14.19 1.13
C VAL A 86 -3.11 -14.93 1.85
N TYR A 87 -1.93 -14.99 1.23
CA TYR A 87 -0.81 -15.73 1.78
C TYR A 87 -0.11 -14.89 2.84
N ILE A 88 0.05 -15.48 4.02
CA ILE A 88 0.71 -14.85 5.14
C ILE A 88 2.19 -15.26 5.13
N LEU A 89 3.07 -14.27 5.23
CA LEU A 89 4.51 -14.51 5.31
C LEU A 89 4.81 -15.08 6.70
N VAL A 90 5.44 -16.25 6.72
CA VAL A 90 5.71 -16.97 7.96
C VAL A 90 7.13 -16.74 8.49
N THR A 91 8.12 -16.84 7.61
CA THR A 91 9.52 -16.85 8.04
C THR A 91 10.35 -15.87 7.20
N SER A 92 10.90 -14.87 7.87
CA SER A 92 11.80 -13.90 7.23
C SER A 92 12.75 -13.33 8.30
N ASN A 93 13.98 -13.06 7.88
CA ASN A 93 14.96 -12.40 8.74
C ASN A 93 14.64 -10.92 8.93
N THR A 94 13.94 -10.35 7.95
CA THR A 94 13.99 -8.91 7.72
C THR A 94 12.64 -8.23 7.90
N SER A 95 12.69 -6.91 8.05
CA SER A 95 11.59 -6.13 8.60
C SER A 95 10.93 -5.15 7.64
N HIS A 96 11.46 -5.03 6.42
CA HIS A 96 11.02 -4.00 5.47
C HIS A 96 10.32 -4.57 4.24
N TYR A 97 9.07 -4.15 4.02
CA TYR A 97 8.27 -4.67 2.91
C TYR A 97 7.57 -3.52 2.21
N ASP A 98 6.62 -3.81 1.33
CA ASP A 98 5.69 -2.77 0.85
C ASP A 98 4.57 -2.64 1.88
N THR A 99 3.56 -1.81 1.60
CA THR A 99 2.38 -1.82 2.44
C THR A 99 1.08 -1.89 1.63
N TYR A 100 0.05 -2.42 2.29
CA TYR A 100 -1.30 -2.26 1.84
C TYR A 100 -1.96 -1.19 2.69
N CYS A 101 -2.93 -0.51 2.10
CA CYS A 101 -3.77 0.44 2.82
C CYS A 101 -5.23 0.21 2.45
N PHE A 102 -6.13 0.69 3.32
CA PHE A 102 -7.56 0.54 3.10
C PHE A 102 -8.31 1.85 3.25
N ASN A 103 -8.97 2.26 2.18
CA ASN A 103 -9.78 3.49 2.17
C ASN A 103 -11.29 3.18 2.11
N ALA A 104 -11.95 3.34 3.25
CA ALA A 104 -13.39 3.03 3.39
C ALA A 104 -14.27 3.79 2.39
N SER A 105 -13.83 4.96 1.95
CA SER A 105 -14.59 5.83 1.04
C SER A 105 -14.50 5.46 -0.44
N ALA A 106 -13.63 4.51 -0.79
CA ALA A 106 -13.51 4.07 -2.18
C ALA A 106 -14.76 3.34 -2.69
N PRO A 107 -14.91 3.19 -4.01
CA PRO A 107 -15.93 2.28 -4.55
C PRO A 107 -15.81 0.85 -4.04
N PRO A 108 -16.91 0.09 -4.07
CA PRO A 108 -16.92 -1.28 -3.54
C PRO A 108 -16.12 -2.31 -4.35
N GLU A 109 -15.92 -2.05 -5.64
CA GLU A 109 -15.21 -3.00 -6.52
C GLU A 109 -13.84 -2.43 -6.96
N GLU A 110 -13.45 -2.62 -8.23
CA GLU A 110 -12.22 -2.08 -8.75
C GLU A 110 -12.31 -0.57 -9.01
N ASP A 111 -11.34 0.19 -8.49
CA ASP A 111 -11.20 1.60 -8.80
C ASP A 111 -9.79 1.88 -9.30
N CYS A 112 -9.66 2.07 -10.61
CA CYS A 112 -8.38 2.35 -11.26
C CYS A 112 -8.25 3.80 -11.68
N THR A 113 -9.09 4.68 -11.12
CA THR A 113 -8.88 6.11 -11.34
C THR A 113 -7.60 6.50 -10.61
N SER A 114 -7.00 7.60 -11.04
CA SER A 114 -5.74 8.06 -10.46
C SER A 114 -5.95 8.60 -9.07
N VAL A 115 -5.00 8.28 -8.20
CA VAL A 115 -4.91 8.87 -6.88
C VAL A 115 -4.20 10.21 -7.07
N THR A 116 -4.82 11.26 -6.57
CA THR A 116 -4.41 12.63 -6.84
C THR A 116 -3.92 13.38 -5.59
N ASP A 117 -3.90 12.73 -4.44
CA ASP A 117 -3.51 13.40 -3.22
C ASP A 117 -3.06 12.44 -2.14
N LEU A 118 -2.28 12.99 -1.22
CA LEU A 118 -1.94 12.39 0.05
C LEU A 118 -2.59 13.32 1.06
N PRO A 119 -3.94 13.20 1.26
CA PRO A 119 -4.73 14.22 1.95
C PRO A 119 -4.37 14.55 3.40
N ASN A 120 -3.90 13.56 4.15
N ASN A 120 -3.87 13.57 4.14
CA ASN A 120 -3.54 13.76 5.56
CA ASN A 120 -3.55 13.76 5.54
C ASN A 120 -2.05 14.01 5.79
C ASN A 120 -2.04 13.91 5.78
N SER A 121 -1.28 14.24 4.73
CA SER A 121 0.14 14.54 4.91
C SER A 121 0.22 15.88 5.63
N PHE A 122 1.33 16.10 6.34
CA PHE A 122 1.51 17.34 7.10
C PHE A 122 2.67 18.16 6.57
N ASP A 123 2.89 19.32 7.20
CA ASP A 123 3.92 20.24 6.74
C ASP A 123 5.28 19.56 6.78
N GLY A 124 6.09 19.78 5.76
CA GLY A 124 7.41 19.18 5.71
C GLY A 124 8.17 19.51 4.44
N PRO A 125 9.43 19.07 4.35
CA PRO A 125 10.36 19.46 3.29
C PRO A 125 10.42 18.50 2.08
N VAL A 126 9.77 17.35 2.16
CA VAL A 126 9.90 16.32 1.10
C VAL A 126 8.98 16.60 -0.08
N THR A 127 9.49 16.40 -1.31
CA THR A 127 8.63 16.33 -2.49
C THR A 127 8.09 14.90 -2.54
N ILE A 128 6.78 14.76 -2.33
CA ILE A 128 6.13 13.46 -2.29
C ILE A 128 5.31 13.32 -3.57
N THR A 129 5.62 12.32 -4.39
CA THR A 129 4.96 12.17 -5.66
C THR A 129 4.18 10.88 -5.67
N ILE A 130 2.89 10.96 -5.91
N ILE A 130 2.89 10.98 -5.94
CA ILE A 130 2.06 9.79 -6.12
CA ILE A 130 2.04 9.81 -6.13
C ILE A 130 2.16 9.42 -7.59
C ILE A 130 2.16 9.42 -7.60
N VAL A 131 2.61 8.20 -7.85
CA VAL A 131 2.76 7.71 -9.22
C VAL A 131 1.76 6.59 -9.44
N ASN A 132 0.83 6.80 -10.38
CA ASN A 132 -0.15 5.81 -10.75
C ASN A 132 0.39 4.89 -11.84
N ARG A 133 -0.19 3.70 -11.95
CA ARG A 133 0.30 2.71 -12.91
C ARG A 133 0.30 3.21 -14.38
N ASP A 134 -0.62 4.12 -14.71
CA ASP A 134 -0.69 4.73 -16.05
C ASP A 134 0.27 5.90 -16.22
N GLY A 135 1.08 6.16 -15.20
CA GLY A 135 2.12 7.15 -15.24
C GLY A 135 1.72 8.53 -14.76
N THR A 136 0.42 8.76 -14.55
N THR A 136 0.41 8.75 -14.56
CA THR A 136 -0.03 10.08 -14.10
CA THR A 136 -0.10 10.01 -14.02
C THR A 136 0.50 10.34 -12.71
C THR A 136 0.55 10.30 -12.69
N ARG A 137 1.03 11.53 -12.52
CA ARG A 137 1.68 11.94 -11.28
C ARG A 137 1.02 13.10 -10.58
N TYR A 138 1.07 13.08 -9.24
N TYR A 138 1.15 13.11 -9.25
CA TYR A 138 0.69 14.21 -8.42
CA TYR A 138 0.69 14.20 -8.41
C TYR A 138 1.75 14.41 -7.36
C TYR A 138 1.70 14.43 -7.30
N SER A 139 2.27 15.62 -7.25
CA SER A 139 3.32 15.96 -6.29
C SER A 139 2.84 16.99 -5.27
N LYS A 140 3.41 16.88 -4.08
CA LYS A 140 3.22 17.90 -3.06
C LYS A 140 4.45 17.92 -2.20
N LYS A 141 4.66 19.05 -1.52
CA LYS A 141 5.70 19.16 -0.52
C LYS A 141 5.10 18.87 0.84
N GLY A 142 5.75 18.02 1.62
CA GLY A 142 5.28 17.74 2.97
C GLY A 142 6.06 16.67 3.67
N GLU A 143 5.38 15.99 4.60
CA GLU A 143 5.94 14.87 5.34
C GLU A 143 4.80 13.97 5.83
N TYR A 144 5.07 12.68 6.03
CA TYR A 144 4.07 11.76 6.62
C TYR A 144 4.64 10.88 7.74
N ARG A 145 5.96 10.81 7.86
CA ARG A 145 6.64 9.98 8.86
C ARG A 145 6.71 10.70 10.22
N THR A 146 6.24 10.01 11.26
CA THR A 146 6.19 10.53 12.61
C THR A 146 7.22 9.85 13.55
N HIS A 147 7.98 8.89 13.05
CA HIS A 147 9.06 8.28 13.83
C HIS A 147 10.40 8.64 13.19
N GLN A 148 11.28 9.26 13.99
CA GLN A 148 12.61 9.71 13.54
C GLN A 148 13.41 8.56 12.96
N GLU A 149 13.32 7.41 13.61
CA GLU A 149 13.95 6.17 13.12
C GLU A 149 13.69 5.90 11.64
N ASP A 150 12.49 6.22 11.16
CA ASP A 150 12.12 6.00 9.75
C ASP A 150 12.67 7.10 8.84
N ILE A 151 13.06 8.23 9.40
CA ILE A 151 13.56 9.37 8.62
C ILE A 151 15.09 9.27 8.54
N ASP A 152 15.79 9.60 9.49
C1 NAG B . 9.43 -21.16 2.37
C2 NAG B . 10.28 -20.57 1.23
C3 NAG B . 9.50 -19.51 0.42
C4 NAG B . 8.04 -19.91 0.15
C5 NAG B . 7.39 -20.66 1.32
C6 NAG B . 6.05 -21.25 0.88
C7 NAG B . 12.67 -20.65 1.72
C8 NAG B . 13.37 -20.78 3.04
N2 NAG B . 11.52 -19.99 1.74
O1 NAG B . 10.15 -22.18 3.04
O3 NAG B . 10.24 -19.27 -0.78
O4 NAG B . 7.24 -18.77 -0.12
O5 NAG B . 8.23 -21.68 1.82
O6 NAG B . 5.38 -21.70 2.03
O7 NAG B . 13.15 -21.14 0.69
C1 BDP B . 10.31 -17.88 -1.16
C2 BDP B . 11.64 -17.57 -1.87
C3 BDP B . 11.64 -16.28 -2.69
C4 BDP B . 10.31 -15.93 -3.34
C5 BDP B . 9.16 -16.26 -2.40
C6 BDP B . 7.82 -16.06 -3.05
O2 BDP B . 12.64 -17.43 -0.90
O3 BDP B . 12.65 -16.34 -3.67
O4 BDP B . 10.30 -14.55 -3.63
O5 BDP B . 9.23 -17.60 -2.01
O6A BDP B . 7.55 -16.85 -3.99
O6B BDP B . 7.08 -15.15 -2.62
C1 NAG B . 10.43 -14.27 -5.04
C2 NAG B . 10.03 -12.81 -5.28
C3 NAG B . 10.25 -12.45 -6.74
C4 NAG B . 11.63 -12.85 -7.22
C5 NAG B . 11.90 -14.32 -6.91
C6 NAG B . 13.28 -14.79 -7.34
C7 NAG B . 8.23 -11.84 -3.91
C8 NAG B . 6.79 -12.03 -3.53
N2 NAG B . 8.64 -12.58 -4.94
O3 NAG B . 10.10 -11.06 -6.91
O4 NAG B . 11.70 -12.59 -8.61
O5 NAG B . 11.74 -14.54 -5.52
O6 NAG B . 14.13 -14.91 -6.22
O7 NAG B . 8.94 -11.03 -3.30
C1 BDP B . 9.01 -10.69 -7.77
C2 BDP B . 8.80 -9.18 -7.63
C3 BDP B . 7.55 -8.79 -8.37
C4 BDP B . 7.66 -9.22 -9.82
C5 BDP B . 8.11 -10.67 -9.97
C6 BDP B . 8.40 -10.95 -11.44
O2 BDP B . 8.66 -8.84 -6.27
O3 BDP B . 7.35 -7.40 -8.29
O4 BDP B . 6.36 -9.14 -10.35
O5 BDP B . 9.23 -11.00 -9.13
O6A BDP B . 9.56 -10.75 -11.90
O6B BDP B . 7.43 -11.34 -12.12
C1 NAG B . 6.25 -8.40 -11.57
C2 NAG B . 4.92 -8.83 -12.17
C3 NAG B . 4.48 -8.01 -13.38
C4 NAG B . 4.66 -6.52 -13.10
C5 NAG B . 6.06 -6.26 -12.56
C6 NAG B . 6.31 -4.78 -12.27
C7 NAG B . 4.14 -11.10 -11.81
C8 NAG B . 4.63 -12.49 -11.57
N2 NAG B . 4.93 -10.26 -12.47
O3 NAG B . 3.12 -8.29 -13.63
O4 NAG B . 4.41 -5.79 -14.28
O5 NAG B . 6.26 -7.00 -11.37
O6 NAG B . 5.36 -4.28 -11.35
O7 NAG B . 3.02 -10.77 -11.39
C1 BDP B . 2.89 -8.77 -14.96
C2 BDP B . 1.59 -9.57 -14.98
C3 BDP B . 1.03 -9.84 -16.39
C4 BDP B . 1.30 -8.72 -17.39
C5 BDP B . 2.70 -8.13 -17.20
C6 BDP B . 3.03 -7.00 -18.18
O2 BDP B . 1.86 -10.82 -14.37
O3 BDP B . -0.36 -10.07 -16.29
O4 BDP B . 1.21 -9.23 -18.70
O5 BDP B . 2.81 -7.68 -15.87
O6A BDP B . 3.88 -7.23 -19.06
O6B BDP B . 2.43 -5.90 -18.04
C1 NAG B . -0.02 -8.88 -19.35
C2 NAG B . 0.16 -9.13 -20.85
C3 NAG B . -1.12 -8.81 -21.62
C4 NAG B . -2.33 -9.48 -20.96
C5 NAG B . -2.34 -9.30 -19.44
C6 NAG B . -3.41 -10.17 -18.79
C7 NAG B . 2.30 -8.90 -22.00
C8 NAG B . 3.18 -9.84 -21.22
N2 NAG B . 1.28 -8.34 -21.35
O3 NAG B . -0.99 -9.24 -22.97
O4 NAG B . -3.51 -8.95 -21.52
O5 NAG B . -1.10 -9.64 -18.87
O6 NAG B . -3.72 -9.68 -17.50
O7 NAG B . 2.51 -8.67 -23.19
C1 GOL C . -4.00 2.68 -12.14
O1 GOL C . -3.51 3.68 -13.02
C2 GOL C . -3.75 3.00 -10.67
O2 GOL C . -2.37 2.93 -10.35
C3 GOL C . -4.35 4.35 -10.31
O3 GOL C . -4.27 4.56 -8.92
#